data_5DG6
#
_entry.id   5DG6
#
_cell.length_a   37.686
_cell.length_b   67.113
_cell.length_c   127.471
_cell.angle_alpha   90.00
_cell.angle_beta   90.00
_cell.angle_gamma   90.00
#
_symmetry.space_group_name_H-M   'P 21 21 21'
#
loop_
_entity.id
_entity.type
_entity.pdbx_description
1 polymer '3C-LIKE PROTEASE'
2 non-polymer 'CHLORIDE ION'
3 non-polymer 'tert-butyl [(4S,7S,10S)-7-(cyclohexylmethyl)-10-(hydroxymethyl)-5,8,13-trioxo-23-oxa-6,9,14,21,22-pentaazabicyclo[18.2.1]tricosa-1(22),20-dien-4-yl]carbamate'
4 water water
#
_entity_poly.entity_id   1
_entity_poly.type   'polypeptide(L)'
_entity_poly.pdbx_seq_one_letter_code
;MHHHHHHAPPTLWSRVTKFGSGWGFWVSPTVFITTTHVVPTGVKEFFGEPLSSIAIHQAGEFTQFRFSKKMRPDLTGMVL
EEGCPEGTVCSVLIKRDSGELLPLAVRMGAIASMRIQGRLVHGQSGMLLTGANAKGMDLGTIPGDCGAPYVHKRGNDWVV
CGVHAAATKSGNTVVCAVQAGEGETALE
;
_entity_poly.pdbx_strand_id   A,B
#
loop_
_chem_comp.id
_chem_comp.type
_chem_comp.name
_chem_comp.formula
CL non-polymer 'CHLORIDE ION' 'Cl -1'
V66 non-polymer 'tert-butyl [(4S,7S,10S)-7-(cyclohexylmethyl)-10-(hydroxymethyl)-5,8,13-trioxo-23-oxa-6,9,14,21,22-pentaazabicyclo[18.2.1]tricosa-1(22),20-dien-4-yl]carbamate' 'C30 H50 N6 O7'
#
# COMPACT_ATOMS: atom_id res chain seq x y z
N HIS A 7 9.88 8.43 -11.59
CA HIS A 7 9.63 7.46 -10.49
C HIS A 7 8.50 7.97 -9.60
N ALA A 8 7.47 7.15 -9.43
CA ALA A 8 6.38 7.53 -8.53
C ALA A 8 6.91 7.48 -7.10
N PRO A 9 6.78 8.55 -6.33
CA PRO A 9 7.28 8.56 -4.95
C PRO A 9 6.34 7.83 -4.02
N PRO A 10 6.81 7.44 -2.83
CA PRO A 10 5.94 6.71 -1.87
C PRO A 10 4.60 7.38 -1.57
N THR A 11 4.61 8.68 -1.29
CA THR A 11 3.36 9.37 -1.00
C THR A 11 2.34 9.17 -2.13
N LEU A 12 2.82 9.14 -3.37
CA LEU A 12 1.89 8.99 -4.48
C LEU A 12 1.27 7.60 -4.49
N TRP A 13 2.08 6.58 -4.19
CA TRP A 13 1.57 5.22 -4.06
C TRP A 13 0.59 5.12 -2.89
N SER A 14 0.85 5.85 -1.80
CA SER A 14 -0.02 5.77 -0.63
C SER A 14 -1.42 6.29 -0.92
N ARG A 15 -1.61 7.02 -2.03
CA ARG A 15 -2.92 7.44 -2.48
C ARG A 15 -3.75 6.27 -3.07
N VAL A 16 -3.09 5.25 -3.61
CA VAL A 16 -3.80 4.09 -4.13
C VAL A 16 -4.29 3.23 -2.96
N THR A 17 -5.57 2.89 -2.97
CA THR A 17 -6.21 2.33 -1.79
C THR A 17 -7.19 1.24 -2.19
N LYS A 18 -7.14 0.12 -1.47
CA LYS A 18 -8.11 -0.94 -1.75
C LYS A 18 -9.52 -0.41 -1.52
N PHE A 19 -10.48 -0.96 -2.26
CA PHE A 19 -11.84 -0.44 -2.22
C PHE A 19 -12.79 -1.30 -3.05
N GLY A 20 -13.85 -1.80 -2.41
CA GLY A 20 -14.69 -2.74 -3.12
C GLY A 20 -13.89 -3.87 -3.73
N SER A 21 -14.22 -4.22 -4.96
CA SER A 21 -13.53 -5.30 -5.65
C SER A 21 -12.22 -4.87 -6.29
N GLY A 22 -11.86 -3.60 -6.18
CA GLY A 22 -10.61 -3.13 -6.75
C GLY A 22 -9.92 -2.08 -5.91
N TRP A 23 -9.80 -0.88 -6.46
CA TRP A 23 -8.93 0.16 -5.92
C TRP A 23 -9.54 1.51 -6.21
N GLY A 24 -9.11 2.52 -5.45
CA GLY A 24 -9.35 3.90 -5.80
C GLY A 24 -8.15 4.77 -5.45
N PHE A 25 -8.30 6.08 -5.66
CA PHE A 25 -7.18 7.01 -5.57
C PHE A 25 -7.60 8.28 -4.83
N TRP A 26 -6.86 8.65 -3.79
CA TRP A 26 -7.12 9.91 -3.10
C TRP A 26 -6.46 11.02 -3.91
N VAL A 27 -7.30 11.86 -4.53
CA VAL A 27 -6.83 12.99 -5.33
C VAL A 27 -6.51 14.16 -4.41
N SER A 28 -7.17 14.22 -3.25
CA SER A 28 -7.02 15.28 -2.27
C SER A 28 -7.35 14.69 -0.91
N PRO A 29 -7.22 15.46 0.17
CA PRO A 29 -7.69 14.98 1.48
C PRO A 29 -9.16 14.58 1.52
N THR A 30 -9.98 15.07 0.60
CA THR A 30 -11.42 14.85 0.63
C THR A 30 -11.97 14.14 -0.59
N VAL A 31 -11.22 14.08 -1.68
CA VAL A 31 -11.72 13.57 -2.95
C VAL A 31 -11.05 12.24 -3.26
N PHE A 32 -11.89 11.23 -3.47
CA PHE A 32 -11.48 9.88 -3.80
C PHE A 32 -12.20 9.45 -5.09
N ILE A 33 -11.47 8.85 -6.01
CA ILE A 33 -11.99 8.43 -7.31
C ILE A 33 -11.75 6.95 -7.51
N THR A 34 -12.68 6.32 -8.24
CA THR A 34 -12.63 4.89 -8.55
C THR A 34 -13.47 4.61 -9.80
N THR A 35 -13.58 3.34 -10.14
CA THR A 35 -14.39 2.89 -11.26
C THR A 35 -15.73 2.44 -10.72
N THR A 36 -16.81 2.88 -11.36
CA THR A 36 -18.14 2.67 -10.82
C THR A 36 -18.39 1.21 -10.48
N HIS A 37 -17.96 0.29 -11.34
CA HIS A 37 -18.33 -1.10 -11.12
C HIS A 37 -17.56 -1.78 -9.98
N VAL A 38 -16.46 -1.20 -9.47
CA VAL A 38 -15.81 -1.84 -8.33
C VAL A 38 -16.44 -1.42 -7.02
N VAL A 39 -17.14 -0.29 -7.00
CA VAL A 39 -17.83 0.20 -5.81
C VAL A 39 -18.69 -0.92 -5.25
N PRO A 40 -18.61 -1.22 -3.95
CA PRO A 40 -19.37 -2.35 -3.39
C PRO A 40 -20.82 -1.96 -3.12
N THR A 41 -21.74 -2.80 -3.59
CA THR A 41 -23.15 -2.48 -3.55
C THR A 41 -23.77 -2.92 -2.22
N GLY A 42 -24.81 -2.21 -1.80
CA GLY A 42 -25.60 -2.66 -0.68
C GLY A 42 -24.92 -2.51 0.66
N VAL A 43 -24.00 -1.55 0.79
CA VAL A 43 -23.41 -1.21 2.07
C VAL A 43 -23.62 0.28 2.32
N LYS A 44 -23.51 0.68 3.59
CA LYS A 44 -24.03 1.94 4.08
C LYS A 44 -22.95 2.95 4.48
N GLU A 45 -21.67 2.59 4.38
CA GLU A 45 -20.58 3.48 4.80
C GLU A 45 -19.36 3.27 3.92
N PHE A 46 -18.59 4.34 3.74
CA PHE A 46 -17.30 4.27 3.06
C PHE A 46 -16.24 4.92 3.93
N PHE A 47 -15.16 4.17 4.17
CA PHE A 47 -14.07 4.65 5.00
C PHE A 47 -14.59 5.18 6.33
N GLY A 48 -15.53 4.44 6.91
CA GLY A 48 -16.09 4.79 8.21
C GLY A 48 -17.14 5.88 8.20
N GLU A 49 -17.31 6.62 7.08
CA GLU A 49 -18.36 7.64 7.07
C GLU A 49 -19.67 7.06 6.53
N PRO A 50 -20.81 7.53 7.02
CA PRO A 50 -22.10 7.10 6.43
C PRO A 50 -22.38 7.78 5.10
N LEU A 51 -23.11 7.05 4.24
CA LEU A 51 -23.36 7.54 2.89
C LEU A 51 -23.96 8.95 2.89
N SER A 52 -24.84 9.24 3.88
CA SER A 52 -25.49 10.54 3.90
C SER A 52 -24.49 11.68 3.97
N SER A 53 -23.25 11.39 4.37
CA SER A 53 -22.24 12.43 4.56
C SER A 53 -21.31 12.60 3.37
N ILE A 54 -21.43 11.76 2.33
CA ILE A 54 -20.54 11.79 1.17
C ILE A 54 -21.29 12.38 -0.03
N ALA A 55 -20.52 13.08 -0.90
CA ALA A 55 -21.03 13.69 -2.14
C ALA A 55 -20.54 12.90 -3.37
N ILE A 56 -21.46 12.24 -4.06
CA ILE A 56 -21.13 11.34 -5.18
C ILE A 56 -21.53 11.98 -6.51
N HIS A 57 -20.60 11.99 -7.47
CA HIS A 57 -20.88 12.23 -8.88
C HIS A 57 -20.42 11.00 -9.68
N GLN A 58 -21.37 10.27 -10.27
CA GLN A 58 -21.10 9.07 -11.05
C GLN A 58 -21.58 9.24 -12.50
N ALA A 59 -20.76 8.76 -13.43
CA ALA A 59 -21.11 8.72 -14.84
C ALA A 59 -20.03 8.02 -15.64
N GLY A 60 -20.44 7.20 -16.61
CA GLY A 60 -19.49 6.68 -17.58
C GLY A 60 -18.48 5.74 -16.99
N GLU A 61 -18.84 5.10 -15.87
CA GLU A 61 -18.00 4.21 -15.09
C GLU A 61 -16.97 4.96 -14.23
N PHE A 62 -16.98 6.29 -14.21
CA PHE A 62 -16.09 7.06 -13.37
C PHE A 62 -16.86 7.60 -12.17
N THR A 63 -16.43 7.24 -10.96
CA THR A 63 -17.13 7.62 -9.75
C THR A 63 -16.25 8.53 -8.90
N GLN A 64 -16.86 9.56 -8.32
CA GLN A 64 -16.15 10.58 -7.53
C GLN A 64 -16.79 10.75 -6.17
N PHE A 65 -15.98 10.60 -5.11
CA PHE A 65 -16.43 10.78 -3.74
C PHE A 65 -15.81 12.06 -3.17
N ARG A 66 -16.66 12.94 -2.62
CA ARG A 66 -16.21 14.12 -1.88
C ARG A 66 -16.75 13.95 -0.46
N PHE A 67 -15.83 13.79 0.49
CA PHE A 67 -16.22 13.56 1.87
C PHE A 67 -16.37 14.88 2.60
N SER A 68 -17.04 14.82 3.75
CA SER A 68 -17.26 16.04 4.54
C SER A 68 -15.95 16.51 5.18
N LYS A 69 -15.24 15.60 5.85
CA LYS A 69 -14.02 15.95 6.56
C LYS A 69 -12.79 15.51 5.75
N LYS A 70 -11.64 16.06 6.14
CA LYS A 70 -10.38 15.59 5.62
C LYS A 70 -10.18 14.15 6.04
N MET A 71 -10.09 13.26 5.06
CA MET A 71 -9.87 11.84 5.32
C MET A 71 -8.39 11.50 5.23
N ARG A 72 -7.67 12.25 4.41
CA ARG A 72 -6.24 12.11 4.24
C ARG A 72 -5.60 13.48 4.41
N PRO A 73 -5.62 14.02 5.63
CA PRO A 73 -4.99 15.32 5.89
C PRO A 73 -3.56 15.41 5.41
N ASP A 74 -2.86 14.29 5.31
CA ASP A 74 -1.45 14.28 4.94
C ASP A 74 -1.22 14.57 3.46
N LEU A 75 -2.27 14.58 2.63
CA LEU A 75 -2.11 14.67 1.20
C LEU A 75 -2.24 16.11 0.71
N THR A 76 -1.39 16.46 -0.25
CA THR A 76 -1.52 17.69 -1.03
C THR A 76 -2.38 17.42 -2.26
N GLY A 77 -3.40 18.24 -2.48
CA GLY A 77 -4.27 18.05 -3.64
C GLY A 77 -3.49 18.10 -4.94
N MET A 78 -3.87 17.25 -5.88
CA MET A 78 -3.28 17.22 -7.22
C MET A 78 -4.37 17.39 -8.27
N VAL A 79 -3.93 17.65 -9.50
CA VAL A 79 -4.85 18.01 -10.57
C VAL A 79 -5.45 16.74 -11.18
N LEU A 80 -6.78 16.73 -11.27
CA LEU A 80 -7.54 15.64 -11.90
C LEU A 80 -8.07 16.15 -13.23
N GLU A 81 -7.52 15.64 -14.33
CA GLU A 81 -7.98 15.99 -15.66
C GLU A 81 -9.08 15.04 -16.16
N GLU A 82 -9.71 15.45 -17.27
CA GLU A 82 -10.61 14.57 -18.03
C GLU A 82 -9.78 13.94 -19.15
N GLY A 83 -9.25 12.75 -18.89
CA GLY A 83 -8.33 12.17 -19.84
C GLY A 83 -7.07 13.02 -19.94
N CYS A 84 -6.21 12.61 -20.87
CA CYS A 84 -4.93 13.25 -21.09
C CYS A 84 -4.66 13.28 -22.58
N PRO A 85 -3.81 14.20 -23.04
CA PRO A 85 -3.52 14.29 -24.47
C PRO A 85 -3.22 12.93 -25.09
N GLU A 86 -3.69 12.75 -26.32
CA GLU A 86 -3.31 11.60 -27.13
C GLU A 86 -1.79 11.49 -27.19
N GLY A 87 -1.30 10.25 -27.17
CA GLY A 87 0.13 9.99 -27.20
C GLY A 87 0.88 10.24 -25.90
N THR A 88 0.26 10.88 -24.91
CA THR A 88 0.84 10.93 -23.58
C THR A 88 1.20 9.54 -23.10
N VAL A 89 2.44 9.39 -22.64
CA VAL A 89 2.83 8.15 -21.98
C VAL A 89 2.48 8.28 -20.51
N CYS A 90 1.60 7.40 -20.04
CA CYS A 90 1.14 7.42 -18.67
C CYS A 90 1.71 6.24 -17.90
N SER A 91 1.55 6.31 -16.58
CA SER A 91 1.82 5.20 -15.69
C SER A 91 0.53 4.80 -14.98
N VAL A 92 0.30 3.50 -14.89
CA VAL A 92 -0.81 2.95 -14.12
C VAL A 92 -0.22 2.45 -12.81
N LEU A 93 -0.62 3.08 -11.70
CA LEU A 93 -0.13 2.73 -10.37
C LEU A 93 -0.94 1.57 -9.83
N ILE A 94 -0.58 0.38 -10.30
CA ILE A 94 -1.22 -0.85 -9.85
C ILE A 94 -0.60 -1.30 -8.53
N LYS A 95 -1.46 -1.64 -7.57
CA LYS A 95 -1.10 -2.41 -6.40
C LYS A 95 -1.82 -3.74 -6.47
N ARG A 96 -1.14 -4.82 -6.12
CA ARG A 96 -1.75 -6.13 -6.01
C ARG A 96 -2.15 -6.40 -4.57
N ASP A 97 -3.11 -7.31 -4.40
CA ASP A 97 -3.50 -7.74 -3.06
C ASP A 97 -2.30 -8.17 -2.21
N SER A 98 -1.24 -8.69 -2.85
CA SER A 98 -0.07 -9.18 -2.13
C SER A 98 0.79 -8.06 -1.54
N GLY A 99 0.58 -6.81 -1.96
CA GLY A 99 1.40 -5.68 -1.58
C GLY A 99 2.28 -5.16 -2.68
N GLU A 100 2.52 -5.97 -3.71
CA GLU A 100 3.47 -5.62 -4.75
C GLU A 100 3.02 -4.39 -5.51
N LEU A 101 3.98 -3.54 -5.83
CA LEU A 101 3.75 -2.36 -6.65
C LEU A 101 4.15 -2.69 -8.09
N LEU A 102 3.32 -2.29 -9.04
CA LEU A 102 3.55 -2.63 -10.44
C LEU A 102 3.14 -1.46 -11.32
N PRO A 103 3.99 -0.43 -11.42
CA PRO A 103 3.67 0.68 -12.31
C PRO A 103 3.86 0.28 -13.77
N LEU A 104 2.82 0.49 -14.58
CA LEU A 104 2.79 0.09 -15.97
C LEU A 104 2.81 1.31 -16.87
N ALA A 105 3.79 1.37 -17.77
CA ALA A 105 3.83 2.43 -18.78
C ALA A 105 2.81 2.14 -19.86
N VAL A 106 2.08 3.18 -20.28
CA VAL A 106 0.99 3.07 -21.25
C VAL A 106 0.98 4.31 -22.14
N ARG A 107 0.98 4.09 -23.46
CA ARG A 107 0.80 5.17 -24.43
C ARG A 107 -0.69 5.37 -24.70
N MET A 108 -1.19 6.57 -24.36
CA MET A 108 -2.63 6.81 -24.41
C MET A 108 -3.08 7.23 -25.79
N GLY A 109 -4.18 6.64 -26.25
CA GLY A 109 -4.84 7.03 -27.48
C GLY A 109 -5.96 8.02 -27.20
N ALA A 110 -7.12 7.80 -27.79
CA ALA A 110 -8.13 8.84 -27.88
C ALA A 110 -9.26 8.63 -26.88
N ILE A 111 -9.92 9.73 -26.54
CA ILE A 111 -11.11 9.68 -25.70
C ILE A 111 -12.31 9.31 -26.55
N ALA A 112 -13.10 8.36 -26.07
CA ALA A 112 -14.20 7.83 -26.84
C ALA A 112 -15.21 7.20 -25.90
N SER A 113 -16.49 7.37 -26.22
CA SER A 113 -17.49 6.48 -25.69
C SER A 113 -17.20 5.06 -26.18
N MET A 114 -17.54 4.08 -25.34
CA MET A 114 -17.20 2.70 -25.66
C MET A 114 -18.25 1.79 -25.05
N ARG A 115 -18.71 0.82 -25.83
CA ARG A 115 -19.51 -0.26 -25.26
C ARG A 115 -18.56 -1.30 -24.67
N ILE A 116 -18.79 -1.67 -23.43
CA ILE A 116 -18.02 -2.74 -22.82
C ILE A 116 -18.92 -3.55 -21.91
N GLN A 117 -19.23 -4.78 -22.31
CA GLN A 117 -20.19 -5.62 -21.59
C GLN A 117 -21.48 -4.85 -21.31
N GLY A 118 -22.04 -4.25 -22.36
CA GLY A 118 -23.33 -3.58 -22.24
C GLY A 118 -23.33 -2.26 -21.50
N ARG A 119 -22.30 -1.99 -20.69
CA ARG A 119 -22.19 -0.72 -19.98
C ARG A 119 -21.49 0.32 -20.86
N LEU A 120 -22.02 1.54 -20.83
CA LEU A 120 -21.40 2.65 -21.53
C LEU A 120 -20.26 3.24 -20.69
N VAL A 121 -19.13 3.49 -21.33
CA VAL A 121 -17.91 3.93 -20.66
C VAL A 121 -17.37 5.13 -21.40
N HIS A 122 -17.27 6.26 -20.70
CA HIS A 122 -16.55 7.43 -21.18
C HIS A 122 -15.10 7.23 -20.83
N GLY A 123 -14.27 6.99 -21.82
CA GLY A 123 -12.97 6.43 -21.49
C GLY A 123 -11.91 6.75 -22.52
N GLN A 124 -10.71 6.27 -22.23
CA GLN A 124 -9.55 6.52 -23.05
C GLN A 124 -8.77 5.21 -23.18
N SER A 125 -8.46 4.83 -24.40
CA SER A 125 -7.72 3.61 -24.65
C SER A 125 -6.22 3.87 -24.57
N GLY A 126 -5.46 2.80 -24.40
CA GLY A 126 -4.02 2.90 -24.27
C GLY A 126 -3.36 1.60 -24.62
N MET A 127 -2.13 1.70 -25.11
CA MET A 127 -1.35 0.54 -25.52
C MET A 127 -0.26 0.34 -24.47
N LEU A 128 -0.15 -0.89 -23.98
CA LEU A 128 0.84 -1.20 -22.95
C LEU A 128 2.24 -1.15 -23.53
N LEU A 129 3.19 -0.62 -22.76
CA LEU A 129 4.61 -0.59 -23.14
C LEU A 129 5.46 -1.46 -22.20
N LEU A 139 4.32 -7.67 -19.20
CA LEU A 139 3.62 -7.23 -17.99
C LEU A 139 2.25 -6.65 -18.28
N GLY A 140 1.21 -7.32 -17.76
CA GLY A 140 -0.16 -6.95 -18.03
C GLY A 140 -0.93 -6.58 -16.77
N THR A 141 -2.21 -6.28 -16.98
CA THR A 141 -3.16 -6.04 -15.89
C THR A 141 -3.95 -7.31 -15.61
N ILE A 142 -4.78 -7.25 -14.58
CA ILE A 142 -5.60 -8.40 -14.21
C ILE A 142 -6.94 -7.91 -13.70
N PRO A 143 -7.92 -8.81 -13.61
CA PRO A 143 -9.27 -8.41 -13.21
C PRO A 143 -9.34 -7.58 -11.95
N GLY A 144 -8.43 -7.83 -10.99
CA GLY A 144 -8.42 -7.11 -9.73
C GLY A 144 -7.86 -5.71 -9.78
N ASP A 145 -7.41 -5.22 -10.92
CA ASP A 145 -6.71 -3.95 -11.02
C ASP A 145 -7.62 -2.76 -11.34
N CYS A 146 -8.91 -2.98 -11.53
CA CYS A 146 -9.79 -1.86 -11.83
C CYS A 146 -9.80 -0.83 -10.69
N GLY A 147 -9.78 0.44 -11.07
CA GLY A 147 -9.73 1.56 -10.15
C GLY A 147 -8.35 2.15 -9.99
N ALA A 148 -7.31 1.46 -10.46
CA ALA A 148 -5.96 1.95 -10.34
C ALA A 148 -5.79 3.22 -11.17
N PRO A 149 -5.12 4.24 -10.63
CA PRO A 149 -5.03 5.51 -11.34
C PRO A 149 -4.06 5.48 -12.51
N TYR A 150 -4.41 6.24 -13.54
CA TYR A 150 -3.49 6.61 -14.61
C TYR A 150 -2.91 7.99 -14.30
N VAL A 151 -1.59 8.11 -14.34
CA VAL A 151 -0.93 9.36 -14.01
C VAL A 151 0.24 9.62 -14.94
N HIS A 152 0.59 10.89 -15.05
CA HIS A 152 1.82 11.30 -15.72
C HIS A 152 2.34 12.53 -15.00
N LYS A 153 3.64 12.75 -15.10
CA LYS A 153 4.27 13.90 -14.47
C LYS A 153 4.22 15.05 -15.45
N ARG A 154 3.61 16.17 -15.05
CA ARG A 154 3.54 17.37 -15.86
C ARG A 154 4.54 18.35 -15.27
N GLY A 155 5.80 18.23 -15.68
CA GLY A 155 6.88 18.98 -15.09
C GLY A 155 7.17 18.46 -13.69
N ASN A 156 6.69 19.18 -12.67
CA ASN A 156 6.83 18.76 -11.28
C ASN A 156 5.55 18.09 -10.79
N ASP A 157 4.43 18.82 -10.79
CA ASP A 157 3.18 18.26 -10.33
C ASP A 157 2.83 16.99 -11.10
N TRP A 158 2.28 16.01 -10.39
CA TRP A 158 1.75 14.80 -11.01
C TRP A 158 0.29 15.00 -11.36
N VAL A 159 -0.12 14.50 -12.51
CA VAL A 159 -1.48 14.66 -13.01
C VAL A 159 -2.15 13.29 -13.09
N VAL A 160 -3.36 13.18 -12.59
CA VAL A 160 -4.18 11.99 -12.79
C VAL A 160 -5.24 12.29 -13.84
N CYS A 161 -5.47 11.34 -14.73
CA CYS A 161 -6.39 11.52 -15.84
C CYS A 161 -7.42 10.40 -15.99
N GLY A 162 -7.40 9.36 -15.15
CA GLY A 162 -8.30 8.25 -15.35
C GLY A 162 -8.12 7.18 -14.29
N VAL A 163 -9.05 6.22 -14.31
CA VAL A 163 -8.99 5.04 -13.45
C VAL A 163 -9.20 3.79 -14.29
N HIS A 164 -8.46 2.75 -13.97
CA HIS A 164 -8.48 1.55 -14.79
C HIS A 164 -9.87 0.94 -14.83
N ALA A 165 -10.30 0.55 -16.04
CA ALA A 165 -11.66 0.02 -16.19
C ALA A 165 -11.80 -1.23 -17.04
N ALA A 166 -10.95 -1.47 -18.05
CA ALA A 166 -11.11 -2.64 -18.90
C ALA A 166 -9.82 -2.91 -19.67
N ALA A 167 -9.75 -4.10 -20.25
CA ALA A 167 -8.65 -4.50 -21.11
C ALA A 167 -9.18 -5.34 -22.26
N THR A 168 -8.50 -5.27 -23.41
CA THR A 168 -8.88 -6.05 -24.56
C THR A 168 -8.58 -7.54 -24.38
N LYS A 169 -9.21 -8.33 -25.26
CA LYS A 169 -9.03 -9.78 -25.36
C LYS A 169 -7.58 -10.20 -25.14
N SER A 170 -6.67 -9.65 -25.96
CA SER A 170 -5.26 -9.97 -25.81
C SER A 170 -4.74 -9.50 -24.45
N GLY A 171 -5.16 -8.30 -24.03
CA GLY A 171 -4.61 -7.66 -22.85
C GLY A 171 -3.56 -6.62 -23.15
N ASN A 172 -3.24 -6.39 -24.42
CA ASN A 172 -2.23 -5.40 -24.80
C ASN A 172 -2.80 -3.98 -24.86
N THR A 173 -4.12 -3.84 -24.96
CA THR A 173 -4.76 -2.53 -24.93
C THR A 173 -5.61 -2.43 -23.67
N VAL A 174 -5.60 -1.26 -23.05
CA VAL A 174 -6.32 -1.05 -21.79
C VAL A 174 -7.15 0.22 -21.91
N VAL A 175 -8.06 0.40 -20.97
CA VAL A 175 -9.00 1.51 -21.00
C VAL A 175 -9.18 2.04 -19.58
N CYS A 176 -9.05 3.35 -19.43
CA CYS A 176 -9.45 4.02 -18.19
C CYS A 176 -10.74 4.79 -18.42
N ALA A 177 -11.62 4.75 -17.43
CA ALA A 177 -12.73 5.68 -17.37
C ALA A 177 -12.20 7.06 -16.98
N VAL A 178 -12.79 8.10 -17.56
CA VAL A 178 -12.36 9.48 -17.36
C VAL A 178 -13.56 10.32 -16.97
N GLN A 179 -13.28 11.49 -16.37
CA GLN A 179 -14.33 12.34 -15.81
C GLN A 179 -15.18 12.97 -16.92
N ALA A 180 -16.25 13.63 -16.49
CA ALA A 180 -17.16 14.36 -17.39
C ALA A 180 -16.41 15.41 -18.22
N HIS B 6 18.19 9.14 4.86
CA HIS B 6 18.00 7.85 4.13
C HIS B 6 16.52 7.62 3.74
N HIS B 7 16.14 8.00 2.52
CA HIS B 7 14.74 7.98 2.11
C HIS B 7 14.31 6.55 1.80
N ALA B 8 13.28 6.07 2.47
CA ALA B 8 12.80 4.71 2.22
C ALA B 8 12.06 4.68 0.88
N PRO B 9 12.35 3.71 0.01
CA PRO B 9 11.72 3.71 -1.33
C PRO B 9 10.42 2.94 -1.35
N PRO B 10 9.60 3.15 -2.38
CA PRO B 10 8.29 2.49 -2.40
C PRO B 10 8.37 0.98 -2.25
N THR B 11 9.42 0.35 -2.76
CA THR B 11 9.52 -1.10 -2.63
C THR B 11 9.63 -1.51 -1.18
N LEU B 12 10.32 -0.71 -0.37
CA LEU B 12 10.47 -1.01 1.05
C LEU B 12 9.15 -0.83 1.80
N TRP B 13 8.42 0.25 1.52
CA TRP B 13 7.07 0.41 2.06
C TRP B 13 6.14 -0.72 1.63
N SER B 14 6.27 -1.18 0.40
CA SER B 14 5.37 -2.24 -0.08
C SER B 14 5.60 -3.56 0.65
N ARG B 15 6.71 -3.69 1.39
CA ARG B 15 6.93 -4.85 2.23
C ARG B 15 6.07 -4.79 3.49
N VAL B 16 5.62 -3.60 3.88
CA VAL B 16 4.81 -3.44 5.09
C VAL B 16 3.37 -3.80 4.77
N THR B 17 2.80 -4.73 5.55
CA THR B 17 1.64 -5.48 5.14
C THR B 17 0.67 -5.56 6.29
N LYS B 18 -0.62 -5.36 6.00
CA LYS B 18 -1.64 -5.46 7.04
C LYS B 18 -1.75 -6.91 7.51
N PHE B 19 -1.68 -7.10 8.84
CA PHE B 19 -1.65 -8.43 9.42
C PHE B 19 -2.35 -8.43 10.77
N GLY B 20 -3.37 -9.27 10.91
CA GLY B 20 -4.16 -9.31 12.12
C GLY B 20 -4.45 -7.94 12.70
N SER B 21 -4.15 -7.76 13.98
CA SER B 21 -4.38 -6.52 14.69
C SER B 21 -3.26 -5.48 14.50
N GLY B 22 -2.26 -5.78 13.68
CA GLY B 22 -1.16 -4.85 13.43
C GLY B 22 -0.60 -4.99 12.04
N TRP B 23 0.70 -5.29 11.95
CA TRP B 23 1.38 -5.31 10.66
C TRP B 23 2.49 -6.36 10.66
N GLY B 24 2.98 -6.66 9.47
CA GLY B 24 4.17 -7.47 9.31
C GLY B 24 4.96 -6.92 8.14
N PHE B 25 6.05 -7.62 7.81
CA PHE B 25 7.06 -7.07 6.92
C PHE B 25 7.64 -8.22 6.10
N TRP B 26 7.71 -8.04 4.79
CA TRP B 26 8.32 -9.07 3.94
C TRP B 26 9.82 -8.81 3.88
N VAL B 27 10.59 -9.69 4.56
CA VAL B 27 12.05 -9.62 4.55
C VAL B 27 12.58 -10.18 3.24
N SER B 28 11.88 -11.17 2.66
CA SER B 28 12.29 -11.80 1.41
C SER B 28 11.06 -12.32 0.69
N PRO B 29 11.20 -12.87 -0.51
CA PRO B 29 10.08 -13.60 -1.10
C PRO B 29 9.38 -14.55 -0.15
N THR B 30 10.07 -15.10 0.84
CA THR B 30 9.51 -16.18 1.64
C THR B 30 9.49 -15.95 3.13
N VAL B 31 10.10 -14.87 3.63
CA VAL B 31 10.19 -14.63 5.07
C VAL B 31 9.36 -13.41 5.42
N PHE B 32 8.56 -13.53 6.48
CA PHE B 32 7.63 -12.51 6.93
C PHE B 32 7.70 -12.44 8.45
N ILE B 33 7.93 -11.25 9.01
CA ILE B 33 8.05 -11.08 10.46
C ILE B 33 7.02 -10.10 10.98
N THR B 34 6.62 -10.28 12.23
CA THR B 34 5.69 -9.38 12.90
C THR B 34 5.87 -9.52 14.41
N THR B 35 5.03 -8.80 15.15
CA THR B 35 4.98 -8.90 16.61
C THR B 35 3.97 -9.98 17.00
N THR B 36 4.37 -10.85 17.94
CA THR B 36 3.65 -12.11 18.12
C THR B 36 2.22 -11.88 18.59
N HIS B 37 1.94 -10.81 19.31
CA HIS B 37 0.62 -10.58 19.85
C HIS B 37 -0.32 -9.87 18.87
N VAL B 38 0.04 -9.75 17.60
CA VAL B 38 -0.93 -9.39 16.57
C VAL B 38 -1.28 -10.61 15.74
N VAL B 39 -0.49 -11.67 15.81
CA VAL B 39 -0.79 -12.86 15.00
C VAL B 39 -2.15 -13.41 15.42
N PRO B 40 -3.08 -13.63 14.50
CA PRO B 40 -4.37 -14.23 14.88
C PRO B 40 -4.20 -15.64 15.42
N THR B 41 -4.99 -15.97 16.45
CA THR B 41 -4.77 -17.16 17.25
C THR B 41 -5.56 -18.37 16.76
N GLY B 42 -6.45 -18.22 15.78
CA GLY B 42 -7.26 -19.34 15.36
C GLY B 42 -7.42 -19.42 13.87
N VAL B 43 -6.42 -19.99 13.20
CA VAL B 43 -6.45 -20.11 11.74
C VAL B 43 -5.65 -21.33 11.35
N LYS B 44 -6.02 -21.91 10.22
CA LYS B 44 -5.24 -22.96 9.57
C LYS B 44 -4.49 -22.43 8.35
N GLU B 45 -4.71 -21.17 7.98
CA GLU B 45 -4.09 -20.56 6.81
C GLU B 45 -3.71 -19.12 7.12
N PHE B 46 -2.56 -18.71 6.59
CA PHE B 46 -2.11 -17.32 6.68
C PHE B 46 -1.73 -16.92 5.28
N PHE B 47 -2.19 -15.74 4.85
CA PHE B 47 -1.96 -15.30 3.48
C PHE B 47 -2.28 -16.42 2.48
N GLY B 48 -3.30 -17.21 2.79
CA GLY B 48 -3.75 -18.27 1.89
C GLY B 48 -3.15 -19.65 2.10
N GLU B 49 -1.84 -19.72 2.41
CA GLU B 49 -1.16 -21.00 2.57
C GLU B 49 -1.44 -21.59 3.95
N PRO B 50 -1.43 -22.91 4.08
CA PRO B 50 -1.75 -23.54 5.37
C PRO B 50 -0.55 -23.61 6.31
N LEU B 51 -0.86 -23.65 7.62
CA LEU B 51 0.18 -23.79 8.64
C LEU B 51 1.09 -24.97 8.33
N SER B 52 0.51 -26.17 8.35
CA SER B 52 1.22 -27.38 8.03
C SER B 52 1.88 -27.24 6.65
N SER B 53 2.82 -26.30 6.54
CA SER B 53 3.44 -25.88 5.29
C SER B 53 4.18 -24.56 5.46
N ILE B 54 4.02 -23.91 6.61
CA ILE B 54 4.74 -22.69 6.94
C ILE B 54 5.56 -22.97 8.18
N ALA B 55 6.82 -22.53 8.17
CA ALA B 55 7.73 -22.71 9.29
C ALA B 55 7.70 -21.47 10.18
N ILE B 56 7.25 -21.65 11.43
CA ILE B 56 6.97 -20.54 12.35
C ILE B 56 7.86 -20.70 13.58
N HIS B 57 8.72 -19.71 13.82
CA HIS B 57 9.55 -19.63 15.02
C HIS B 57 9.22 -18.33 15.73
N GLN B 58 8.59 -18.43 16.90
CA GLN B 58 8.28 -17.28 17.74
C GLN B 58 9.14 -17.34 18.98
N ALA B 59 9.39 -16.17 19.59
CA ALA B 59 10.33 -16.07 20.71
C ALA B 59 10.49 -14.64 21.23
N GLY B 60 9.82 -14.30 22.32
CA GLY B 60 10.02 -13.01 22.93
C GLY B 60 9.23 -11.89 22.30
N GLU B 61 8.05 -12.21 21.73
CA GLU B 61 7.19 -11.28 20.99
C GLU B 61 7.78 -10.94 19.62
N PHE B 62 8.54 -11.88 19.05
CA PHE B 62 9.04 -11.78 17.69
C PHE B 62 8.64 -13.05 16.99
N THR B 63 7.99 -12.92 15.84
CA THR B 63 7.50 -14.05 15.08
C THR B 63 8.12 -14.07 13.70
N GLN B 64 8.48 -15.25 13.24
CA GLN B 64 9.05 -15.41 11.93
C GLN B 64 8.28 -16.47 11.15
N PHE B 65 8.20 -16.28 9.84
CA PHE B 65 7.37 -17.09 8.95
C PHE B 65 8.21 -17.34 7.71
N ARG B 66 8.65 -18.57 7.48
CA ARG B 66 9.17 -18.92 6.16
C ARG B 66 8.10 -19.73 5.43
N PHE B 67 7.93 -19.43 4.13
CA PHE B 67 6.89 -20.03 3.31
C PHE B 67 7.50 -20.96 2.27
N SER B 68 6.74 -22.00 1.91
CA SER B 68 7.17 -22.92 0.87
C SER B 68 7.25 -22.23 -0.48
N LYS B 69 6.18 -21.55 -0.89
CA LYS B 69 6.16 -20.83 -2.15
C LYS B 69 6.72 -19.43 -1.98
N LYS B 70 7.35 -18.92 -3.05
CA LYS B 70 7.69 -17.51 -3.10
C LYS B 70 6.40 -16.70 -3.04
N MET B 71 6.16 -16.02 -1.91
CA MET B 71 4.94 -15.23 -1.75
C MET B 71 5.07 -13.83 -2.32
N ARG B 72 6.29 -13.30 -2.34
CA ARG B 72 6.55 -11.98 -2.92
C ARG B 72 7.77 -12.08 -3.83
N PRO B 73 7.65 -12.83 -4.92
CA PRO B 73 8.80 -13.05 -5.81
C PRO B 73 9.41 -11.76 -6.35
N ASP B 74 8.67 -10.67 -6.21
CA ASP B 74 9.16 -9.37 -6.65
C ASP B 74 10.18 -8.78 -5.69
N LEU B 75 10.40 -9.37 -4.54
CA LEU B 75 11.24 -8.76 -3.51
C LEU B 75 12.63 -9.35 -3.53
N THR B 76 13.64 -8.49 -3.44
CA THR B 76 14.95 -9.00 -3.08
C THR B 76 14.97 -9.26 -1.57
N GLY B 77 15.86 -10.13 -1.15
CA GLY B 77 16.07 -10.36 0.26
C GLY B 77 16.86 -9.22 0.88
N MET B 78 16.61 -8.94 2.16
CA MET B 78 17.39 -7.97 2.90
C MET B 78 17.95 -8.59 4.17
N VAL B 79 18.96 -7.90 4.71
CA VAL B 79 19.59 -8.32 5.95
C VAL B 79 18.60 -8.14 7.10
N LEU B 80 18.41 -9.21 7.87
CA LEU B 80 17.74 -9.15 9.17
C LEU B 80 18.79 -9.31 10.26
N GLU B 81 18.62 -8.58 11.36
CA GLU B 81 19.63 -8.55 12.41
C GLU B 81 18.96 -8.40 13.76
N GLU B 82 19.65 -8.89 14.79
CA GLU B 82 19.20 -8.87 16.18
C GLU B 82 19.45 -7.48 16.75
N GLY B 83 18.44 -6.63 16.64
CA GLY B 83 18.58 -5.25 17.03
C GLY B 83 19.70 -4.60 16.24
N CYS B 84 20.11 -3.43 16.74
CA CYS B 84 21.19 -2.70 16.09
C CYS B 84 22.12 -2.07 17.13
N PRO B 85 23.23 -1.45 16.72
CA PRO B 85 24.10 -0.80 17.70
C PRO B 85 23.40 0.34 18.42
N GLU B 86 23.66 0.45 19.73
CA GLU B 86 23.16 1.56 20.51
C GLU B 86 23.57 2.86 19.83
N GLY B 87 22.63 3.79 19.70
CA GLY B 87 22.89 5.05 19.03
C GLY B 87 22.62 5.03 17.54
N THR B 88 22.36 3.87 16.96
CA THR B 88 21.84 3.83 15.60
C THR B 88 20.51 4.60 15.53
N VAL B 89 20.39 5.46 14.53
CA VAL B 89 19.14 6.13 14.23
C VAL B 89 18.37 5.28 13.22
N CYS B 90 17.26 4.71 13.67
CA CYS B 90 16.43 3.86 12.82
C CYS B 90 15.26 4.67 12.29
N SER B 91 14.58 4.09 11.31
CA SER B 91 13.28 4.58 10.86
C SER B 91 12.25 3.49 11.08
N VAL B 92 11.11 3.86 11.67
CA VAL B 92 10.00 2.92 11.87
C VAL B 92 8.99 3.18 10.75
N LEU B 93 8.91 2.28 9.78
CA LEU B 93 8.00 2.42 8.65
C LEU B 93 6.57 2.12 9.07
N ILE B 94 5.87 3.14 9.56
CA ILE B 94 4.51 2.97 10.04
C ILE B 94 3.52 3.28 8.93
N LYS B 95 2.64 2.33 8.66
CA LYS B 95 1.45 2.58 7.85
C LYS B 95 0.24 2.74 8.76
N ARG B 96 -0.65 3.66 8.41
CA ARG B 96 -1.93 3.77 9.08
C ARG B 96 -3.03 3.18 8.18
N ASP B 97 -4.13 2.81 8.83
CA ASP B 97 -5.25 2.18 8.11
C ASP B 97 -5.78 3.06 6.98
N SER B 98 -5.63 4.38 7.11
CA SER B 98 -6.02 5.29 6.04
C SER B 98 -5.12 5.17 4.83
N GLY B 99 -3.91 4.65 5.01
CA GLY B 99 -2.93 4.60 3.94
C GLY B 99 -1.83 5.62 4.07
N GLU B 100 -1.93 6.51 5.05
CA GLU B 100 -0.87 7.46 5.33
C GLU B 100 0.42 6.73 5.70
N LEU B 101 1.53 7.21 5.14
CA LEU B 101 2.85 6.71 5.51
C LEU B 101 3.46 7.62 6.55
N LEU B 102 4.00 7.03 7.61
CA LEU B 102 4.55 7.78 8.74
C LEU B 102 5.84 7.15 9.23
N PRO B 103 6.96 7.47 8.58
CA PRO B 103 8.26 6.99 9.06
C PRO B 103 8.74 7.84 10.24
N LEU B 104 9.03 7.18 11.37
CA LEU B 104 9.40 7.85 12.61
C LEU B 104 10.88 7.65 12.88
N ALA B 105 11.59 8.76 13.16
CA ALA B 105 12.98 8.70 13.55
C ALA B 105 13.09 8.21 14.98
N VAL B 106 14.12 7.43 15.25
CA VAL B 106 14.34 6.86 16.58
C VAL B 106 15.83 6.59 16.76
N ARG B 107 16.38 7.12 17.85
CA ARG B 107 17.71 6.73 18.32
C ARG B 107 17.58 5.48 19.19
N MET B 108 18.30 4.43 18.83
CA MET B 108 18.14 3.16 19.50
C MET B 108 19.03 3.10 20.74
N GLY B 109 18.51 2.42 21.76
CA GLY B 109 19.24 2.25 22.99
C GLY B 109 19.68 0.82 23.18
N ALA B 110 19.43 0.28 24.37
CA ALA B 110 20.02 -0.98 24.76
C ALA B 110 19.11 -2.14 24.38
N ILE B 111 19.73 -3.22 23.93
CA ILE B 111 19.06 -4.51 23.74
C ILE B 111 18.94 -5.17 25.10
N ALA B 112 17.79 -5.75 25.38
CA ALA B 112 17.51 -6.23 26.74
C ALA B 112 16.33 -7.19 26.68
N SER B 113 15.99 -7.73 27.85
CA SER B 113 14.84 -8.63 27.99
C SER B 113 13.92 -8.10 29.09
N MET B 114 13.05 -7.14 28.73
CA MET B 114 12.02 -6.62 29.61
C MET B 114 10.85 -7.60 29.67
N ARG B 115 9.76 -7.18 30.29
CA ARG B 115 8.55 -8.01 30.32
C ARG B 115 7.36 -7.19 30.78
N VAL B 121 9.52 -10.71 26.26
CA VAL B 121 9.91 -9.62 25.37
C VAL B 121 11.43 -9.43 25.24
N HIS B 122 12.03 -10.03 24.22
CA HIS B 122 13.40 -9.72 23.86
C HIS B 122 13.36 -8.50 22.94
N GLY B 123 13.48 -7.31 23.52
CA GLY B 123 13.30 -6.08 22.78
C GLY B 123 14.49 -5.14 22.90
N GLN B 124 14.47 -4.11 22.06
CA GLN B 124 15.40 -3.00 22.14
C GLN B 124 14.59 -1.71 22.29
N SER B 125 15.07 -0.80 23.12
CA SER B 125 14.36 0.45 23.35
C SER B 125 14.97 1.58 22.54
N GLY B 126 14.21 2.65 22.41
CA GLY B 126 14.68 3.80 21.67
C GLY B 126 13.87 5.03 22.02
N MET B 127 14.38 6.18 21.61
CA MET B 127 13.78 7.48 21.89
C MET B 127 13.30 8.08 20.57
N LEU B 128 12.05 8.52 20.53
CA LEU B 128 11.55 9.23 19.37
C LEU B 128 12.27 10.57 19.24
N LEU B 129 12.83 10.82 18.06
CA LEU B 129 13.41 12.13 17.79
C LEU B 129 12.29 13.08 17.37
N GLY B 140 3.81 10.47 17.07
CA GLY B 140 3.98 9.27 17.90
C GLY B 140 3.30 8.03 17.36
N THR B 141 3.38 6.93 18.11
CA THR B 141 2.85 5.64 17.69
C THR B 141 1.50 5.39 18.38
N ILE B 142 0.85 4.28 18.01
CA ILE B 142 -0.48 3.91 18.51
C ILE B 142 -0.59 2.39 18.52
N PRO B 143 -1.59 1.80 19.20
CA PRO B 143 -1.61 0.33 19.29
C PRO B 143 -1.82 -0.40 17.97
N GLY B 144 -2.58 0.18 17.05
CA GLY B 144 -2.67 -0.40 15.72
C GLY B 144 -1.33 -0.56 15.02
N ASP B 145 -0.29 0.10 15.52
CA ASP B 145 1.02 0.17 14.87
C ASP B 145 1.96 -1.00 15.17
N CYS B 146 1.54 -1.97 15.98
CA CYS B 146 2.47 -3.05 16.30
C CYS B 146 2.74 -3.87 15.05
N GLY B 147 4.00 -4.30 14.90
CA GLY B 147 4.45 -5.01 13.73
C GLY B 147 5.29 -4.18 12.76
N ALA B 148 5.20 -2.86 12.79
CA ALA B 148 5.92 -2.05 11.82
C ALA B 148 7.43 -2.29 11.92
N PRO B 149 8.15 -2.33 10.80
CA PRO B 149 9.58 -2.65 10.87
C PRO B 149 10.41 -1.47 11.31
N TYR B 150 11.48 -1.79 12.04
CA TYR B 150 12.54 -0.85 12.39
C TYR B 150 13.72 -1.12 11.46
N VAL B 151 14.11 -0.11 10.68
CA VAL B 151 15.09 -0.34 9.62
C VAL B 151 16.10 0.80 9.63
N HIS B 152 17.26 0.51 9.05
CA HIS B 152 18.24 1.54 8.78
C HIS B 152 19.03 1.14 7.56
N LYS B 153 19.56 2.11 6.84
CA LYS B 153 20.36 1.82 5.67
C LYS B 153 21.83 1.79 6.07
N ARG B 154 22.53 0.76 5.61
CA ARG B 154 23.93 0.58 5.93
C ARG B 154 24.63 0.15 4.64
N GLY B 155 25.48 1.03 4.12
CA GLY B 155 26.00 0.84 2.77
C GLY B 155 24.86 1.01 1.79
N ASN B 156 24.78 0.09 0.82
CA ASN B 156 23.66 -0.02 -0.11
C ASN B 156 22.72 -1.16 0.30
N ASP B 157 22.55 -1.36 1.60
CA ASP B 157 21.64 -2.38 2.12
C ASP B 157 20.80 -1.74 3.20
N TRP B 158 19.48 -1.72 2.97
CA TRP B 158 18.55 -1.51 4.06
C TRP B 158 18.55 -2.73 4.97
N VAL B 159 18.55 -2.47 6.26
CA VAL B 159 18.65 -3.51 7.29
C VAL B 159 17.39 -3.40 8.12
N VAL B 160 16.69 -4.52 8.30
CA VAL B 160 15.58 -4.57 9.25
C VAL B 160 16.08 -5.21 10.52
N CYS B 161 15.70 -4.65 11.66
CA CYS B 161 16.25 -5.14 12.92
C CYS B 161 15.22 -5.25 14.04
N GLY B 162 13.93 -5.08 13.77
CA GLY B 162 12.95 -5.31 14.81
C GLY B 162 11.56 -4.92 14.38
N VAL B 163 10.60 -5.29 15.22
CA VAL B 163 9.20 -4.98 15.00
C VAL B 163 8.67 -4.24 16.21
N HIS B 164 7.80 -3.25 15.95
CA HIS B 164 7.26 -2.41 17.01
C HIS B 164 6.42 -3.22 17.98
N ALA B 165 6.57 -2.92 19.28
CA ALA B 165 5.81 -3.64 20.29
C ALA B 165 5.44 -2.82 21.54
N ALA B 166 5.99 -1.61 21.74
CA ALA B 166 5.47 -0.77 22.82
C ALA B 166 5.99 0.66 22.74
N ALA B 167 5.33 1.55 23.51
CA ALA B 167 5.85 2.87 23.83
C ALA B 167 5.43 3.26 25.24
N THR B 168 5.91 4.42 25.71
CA THR B 168 5.72 4.87 27.08
C THR B 168 4.66 5.96 27.18
N LYS B 169 4.34 6.30 28.43
CA LYS B 169 3.35 7.34 28.71
C LYS B 169 3.89 8.70 28.28
N THR B 173 9.63 7.45 23.78
CA THR B 173 10.21 6.16 24.15
C THR B 173 9.42 4.98 23.57
N VAL B 174 10.14 4.10 22.85
CA VAL B 174 9.53 3.00 22.10
C VAL B 174 10.37 1.74 22.32
N VAL B 175 9.75 0.58 22.04
CA VAL B 175 10.41 -0.71 22.15
C VAL B 175 10.09 -1.53 20.91
N CYS B 176 11.08 -2.29 20.45
CA CYS B 176 10.91 -3.18 19.31
C CYS B 176 11.40 -4.58 19.64
N ALA B 177 10.57 -5.57 19.35
CA ALA B 177 11.00 -6.95 19.46
C ALA B 177 12.10 -7.23 18.44
N VAL B 178 13.02 -8.13 18.82
CA VAL B 178 14.16 -8.48 17.98
C VAL B 178 14.32 -9.99 17.99
N GLN B 179 14.91 -10.52 16.92
CA GLN B 179 15.07 -11.97 16.75
C GLN B 179 16.12 -12.51 17.73
N ALA B 180 15.87 -13.75 18.20
CA ALA B 180 16.74 -14.46 19.14
C ALA B 180 18.23 -14.14 18.97
CL CL C . 1.93 12.79 -3.65
CL CL D . 1.80 2.85 -0.08
O43 V66 E . -15.09 -6.66 -23.03
C37 V66 E . -13.95 -6.18 -22.98
O38 V66 E . -13.42 -5.42 -24.09
C39 V66 E . -13.84 -5.64 -25.42
C40 V66 E . -14.11 -7.13 -25.68
C41 V66 E . -12.73 -5.17 -26.36
C42 V66 E . -15.12 -4.82 -25.62
O01 V66 E . -12.26 -5.33 -19.48
C02 V66 E . -13.29 -5.99 -19.55
N18 V66 E . -7.22 -7.13 -17.78
C19 V66 E . -7.67 -8.46 -18.12
C20 V66 E . -6.59 -9.18 -18.94
C21 V66 E . -7.10 -9.71 -20.26
C22 V66 E . -7.53 -11.16 -20.09
C23 V66 E . -8.27 -11.63 -21.31
C28 V66 E . -13.51 -6.93 -20.70
C29 V66 E . -12.70 -8.19 -20.46
C30 V66 E . -12.64 -9.10 -21.67
C31 V66 E . -11.62 -10.16 -21.33
N32 V66 E . -11.86 -11.26 -20.60
N33 V66 E . -10.66 -11.97 -20.50
C34 V66 E . -9.72 -11.26 -21.17
O35 V66 E . -10.30 -10.14 -21.67
N36 V66 E . -13.13 -6.27 -21.93
N13 V66 E . -12.25 -4.89 -15.94
C14 V66 E . -11.17 -5.31 -15.07
C15 V66 E . -9.78 -5.15 -15.73
C16 V66 E . -9.27 -6.39 -16.52
C17 V66 E . -7.88 -6.19 -17.10
O24 V66 E . -7.29 -5.14 -16.99
C25 V66 E . -11.38 -4.57 -13.71
O26 V66 E . -12.65 -4.92 -13.17
N03 V66 E . -14.24 -5.94 -18.63
C04 V66 E . -14.11 -5.11 -17.44
C12 V66 E . -13.06 -5.73 -16.57
O27 V66 E . -12.96 -6.95 -16.48
C05 V66 E . -15.43 -4.96 -16.69
C06 V66 E . -16.50 -4.06 -17.33
C07 V66 E . -17.63 -3.93 -16.31
C08 V66 E . -18.65 -2.87 -16.70
C09 V66 E . -17.99 -1.53 -16.97
C10 V66 E . -17.04 -1.74 -18.13
C11 V66 E . -15.94 -2.71 -17.71
CL CL F . 3.10 0.25 -0.24
#